data_4MZW
#
_entry.id   4MZW
#
_cell.length_a   88.075
_cell.length_b   88.075
_cell.length_c   163.373
_cell.angle_alpha   90.00
_cell.angle_beta   90.00
_cell.angle_gamma   90.00
#
_symmetry.space_group_name_H-M   'P 43 21 2'
#
loop_
_entity.id
_entity.type
_entity.pdbx_description
1 polymer 'Glutathione S-Transferase'
2 non-polymer 'OXIDIZED GLUTATHIONE DISULFIDE'
3 non-polymer 'ACETATE ION'
4 water water
#
_entity_poly.entity_id   1
_entity_poly.type   'polypeptide(L)'
_entity_poly.pdbx_seq_one_letter_code
;MHHHHHHSSGVDLGTENLYFQSMTYQLPKVWSAADSDQGKFSGINQPTAGVRFEQKLPVGKEPFQLYSLGTPNGVKVTIM
LEELLAAGVTEATYDLYKISIMDGDQFGSDFVKINPNSKIPALLDQSGHKPIPVFESANILLYLAEKFGKLIPSDLAGRT
EVLNWLFWQTGAAPFLGGGFGHFFNYAPEKLEYPINRFTMEAKRQLDLLDKELAKKAYIAGEDYSIADIAIWSWYGQLVQ
DKLYPGAAEFLDAASYKHLSAWAEKIAARPAVQRGLAAEYQEIK
;
_entity_poly.pdbx_strand_id   A,B
#
loop_
_chem_comp.id
_chem_comp.type
_chem_comp.name
_chem_comp.formula
ACT non-polymer 'ACETATE ION' 'C2 H3 O2 -1'
GDS non-polymer 'OXIDIZED GLUTATHIONE DISULFIDE' 'C20 H32 N6 O12 S2'
#
# COMPACT_ATOMS: atom_id res chain seq x y z
N SER A 9 -9.99 30.89 9.54
CA SER A 9 -11.22 30.04 9.42
C SER A 9 -10.90 28.57 9.07
N GLY A 10 -9.73 28.32 8.49
CA GLY A 10 -9.26 26.95 8.32
C GLY A 10 -9.96 26.16 7.25
N VAL A 11 -9.76 24.84 7.27
CA VAL A 11 -10.33 23.97 6.24
C VAL A 11 -11.85 23.80 6.44
N ASP A 12 -12.60 24.02 5.37
CA ASP A 12 -14.06 23.92 5.43
C ASP A 12 -14.53 23.01 4.32
N LEU A 13 -14.94 21.79 4.69
CA LEU A 13 -15.32 20.82 3.65
C LEU A 13 -16.73 21.04 3.07
N GLY A 14 -17.57 21.83 3.75
CA GLY A 14 -18.95 22.07 3.31
C GLY A 14 -19.16 23.25 2.38
N THR A 15 -18.34 24.29 2.52
CA THR A 15 -18.60 25.61 1.90
C THR A 15 -18.15 25.70 0.43
N GLU A 16 -18.85 26.56 -0.32
CA GLU A 16 -18.72 26.71 -1.78
C GLU A 16 -17.50 27.49 -2.27
N ASN A 17 -17.21 27.33 -3.56
CA ASN A 17 -16.20 28.12 -4.26
C ASN A 17 -16.88 29.00 -5.32
N THR A 24 14.60 -14.32 27.41
CA THR A 24 13.33 -14.94 26.91
C THR A 24 12.14 -14.08 27.29
N TYR A 25 11.33 -13.72 26.30
CA TYR A 25 10.18 -12.84 26.48
C TYR A 25 8.89 -13.64 26.52
N GLN A 26 7.97 -13.21 27.40
CA GLN A 26 6.70 -13.89 27.63
C GLN A 26 5.55 -13.15 26.97
N LEU A 27 4.93 -13.79 25.98
CA LEU A 27 3.83 -13.19 25.22
C LEU A 27 2.54 -13.21 26.03
N PRO A 28 1.99 -12.04 26.39
CA PRO A 28 0.73 -12.10 27.13
C PRO A 28 -0.44 -12.60 26.28
N LYS A 29 -1.55 -12.88 26.94
CA LYS A 29 -2.74 -13.31 26.23
C LYS A 29 -3.40 -12.10 25.56
N VAL A 30 -3.39 -10.96 26.26
CA VAL A 30 -3.90 -9.70 25.74
C VAL A 30 -2.76 -8.70 25.79
N TRP A 31 -2.57 -7.96 24.69
CA TRP A 31 -1.46 -7.01 24.62
C TRP A 31 -1.76 -5.77 25.46
N SER A 32 -0.77 -5.29 26.18
CA SER A 32 -0.89 -4.05 26.92
C SER A 32 0.21 -3.08 26.52
N ALA A 33 -0.18 -1.85 26.25
CA ALA A 33 0.75 -0.85 25.75
C ALA A 33 1.80 -0.52 26.78
N ALA A 34 2.79 0.24 26.35
CA ALA A 34 3.84 0.63 27.23
C ALA A 34 4.44 1.93 26.75
N ASP A 35 5.42 2.40 27.51
CA ASP A 35 6.23 3.54 27.14
C ASP A 35 7.49 3.06 26.40
N SER A 36 7.38 1.87 25.77
CA SER A 36 8.52 1.21 25.13
C SER A 36 9.20 2.10 24.09
N ASP A 37 10.52 2.21 24.21
CA ASP A 37 11.30 3.18 23.45
C ASP A 37 11.49 2.73 22.02
N GLN A 38 10.71 3.32 21.10
CA GLN A 38 10.80 3.06 19.67
C GLN A 38 11.84 3.97 18.97
N GLY A 39 12.69 4.63 19.75
CA GLY A 39 13.62 5.61 19.22
C GLY A 39 12.89 6.90 18.91
N LYS A 40 13.18 7.48 17.75
CA LYS A 40 12.78 8.86 17.43
C LYS A 40 11.28 9.17 17.55
N PHE A 41 10.41 8.19 17.24
CA PHE A 41 8.96 8.42 17.15
C PHE A 41 8.17 7.89 18.37
N SER A 42 8.86 7.68 19.48
CA SER A 42 8.23 7.23 20.72
C SER A 42 7.18 8.21 21.25
N GLY A 43 7.49 9.51 21.25
CA GLY A 43 6.53 10.51 21.76
C GLY A 43 5.21 10.53 20.97
N ILE A 44 5.32 10.19 19.70
CA ILE A 44 4.28 10.39 18.71
C ILE A 44 3.39 9.18 18.51
N ASN A 45 4.00 7.99 18.38
CA ASN A 45 3.28 6.77 18.04
C ASN A 45 2.39 6.34 19.19
N GLN A 46 1.16 5.94 18.88
CA GLN A 46 0.20 5.44 19.85
C GLN A 46 -0.62 4.31 19.25
N PRO A 47 -1.26 3.48 20.10
CA PRO A 47 -2.12 2.40 19.61
C PRO A 47 -3.55 2.84 19.33
N THR A 48 -3.79 4.16 19.36
CA THR A 48 -5.09 4.71 18.96
C THR A 48 -4.89 5.78 17.90
N ALA A 49 -5.97 6.07 17.19
CA ALA A 49 -6.01 7.12 16.17
C ALA A 49 -6.86 8.29 16.64
N GLY A 50 -6.81 9.38 15.90
CA GLY A 50 -7.67 10.52 16.15
C GLY A 50 -7.01 11.84 16.46
N VAL A 51 -7.85 12.85 16.63
CA VAL A 51 -7.43 14.22 16.85
C VAL A 51 -6.85 14.37 18.23
N ARG A 52 -5.77 15.13 18.35
CA ARG A 52 -5.16 15.38 19.65
C ARG A 52 -5.27 16.83 20.09
N PHE A 53 -5.53 17.74 19.17
CA PHE A 53 -5.70 19.14 19.51
C PHE A 53 -6.33 19.88 18.36
N GLU A 54 -6.93 21.02 18.68
CA GLU A 54 -7.55 21.87 17.68
C GLU A 54 -6.53 22.64 16.86
N GLN A 55 -6.75 22.67 15.56
CA GLN A 55 -5.82 23.19 14.58
C GLN A 55 -6.59 23.68 13.36
N LYS A 56 -6.39 24.95 13.04
CA LYS A 56 -6.88 25.52 11.80
C LYS A 56 -5.72 25.66 10.84
N LEU A 57 -5.76 24.90 9.77
CA LEU A 57 -4.73 24.97 8.75
C LEU A 57 -4.94 26.19 7.84
N PRO A 58 -3.85 26.75 7.32
CA PRO A 58 -3.98 27.78 6.28
C PRO A 58 -4.57 27.18 5.01
N VAL A 59 -5.39 27.98 4.33
CA VAL A 59 -5.89 27.65 3.01
C VAL A 59 -5.57 28.87 2.16
N GLY A 60 -4.77 28.68 1.12
CA GLY A 60 -4.43 29.76 0.20
C GLY A 60 -5.38 29.87 -1.00
N LYS A 61 -4.86 30.49 -2.07
CA LYS A 61 -5.64 30.81 -3.25
C LYS A 61 -5.50 29.77 -4.36
N GLU A 62 -4.46 28.94 -4.35
CA GLU A 62 -4.22 28.03 -5.48
C GLU A 62 -5.24 26.89 -5.46
N PRO A 63 -5.49 26.26 -6.62
CA PRO A 63 -6.46 25.15 -6.67
C PRO A 63 -6.10 23.95 -5.79
N PHE A 64 -4.80 23.70 -5.56
CA PHE A 64 -4.36 22.57 -4.75
C PHE A 64 -3.67 23.05 -3.47
N GLN A 65 -4.17 22.58 -2.33
CA GLN A 65 -3.58 22.83 -1.01
C GLN A 65 -2.92 21.51 -0.62
N LEU A 66 -1.62 21.56 -0.42
CA LEU A 66 -0.84 20.37 -0.09
C LEU A 66 -0.19 20.49 1.28
N TYR A 67 -0.63 19.63 2.20
CA TYR A 67 -0.16 19.58 3.59
C TYR A 67 0.73 18.37 3.73
N SER A 68 2.03 18.63 3.86
CA SER A 68 3.00 17.61 3.60
C SER A 68 4.34 17.91 4.23
N LEU A 69 5.32 17.09 3.88
CA LEU A 69 6.68 17.21 4.40
C LEU A 69 7.61 16.55 3.38
N GLY A 70 8.87 16.97 3.33
CA GLY A 70 9.80 16.51 2.30
C GLY A 70 10.35 15.10 2.56
N THR A 71 9.45 14.14 2.61
CA THR A 71 9.78 12.74 2.84
C THR A 71 9.63 12.01 1.49
N PRO A 72 9.96 10.72 1.46
CA PRO A 72 9.70 10.03 0.22
C PRO A 72 8.24 10.08 -0.24
N ASN A 73 7.31 10.03 0.69
CA ASN A 73 5.90 10.07 0.32
C ASN A 73 5.45 11.47 -0.10
N GLY A 74 5.99 12.48 0.58
CA GLY A 74 5.68 13.86 0.26
C GLY A 74 6.19 14.30 -1.10
N VAL A 75 7.44 13.92 -1.43
CA VAL A 75 8.07 14.44 -2.66
C VAL A 75 7.41 13.91 -3.92
N LYS A 76 6.75 12.75 -3.80
CA LYS A 76 5.99 12.21 -4.92
C LYS A 76 5.03 13.27 -5.45
N VAL A 77 4.37 13.98 -4.54
CA VAL A 77 3.29 14.87 -4.91
C VAL A 77 3.83 16.20 -5.46
N THR A 78 4.87 16.75 -4.86
CA THR A 78 5.46 17.97 -5.41
C THR A 78 6.09 17.69 -6.77
N ILE A 79 6.72 16.54 -6.93
CA ILE A 79 7.25 16.16 -8.23
C ILE A 79 6.11 16.08 -9.28
N MET A 80 5.04 15.36 -8.96
CA MET A 80 3.88 15.28 -9.85
C MET A 80 3.36 16.67 -10.25
N LEU A 81 3.11 17.54 -9.28
CA LEU A 81 2.62 18.88 -9.58
C LEU A 81 3.58 19.68 -10.48
N GLU A 82 4.88 19.60 -10.19
CA GLU A 82 5.89 20.24 -11.02
C GLU A 82 5.99 19.60 -12.43
N GLU A 83 5.77 18.30 -12.56
CA GLU A 83 5.79 17.67 -13.89
C GLU A 83 4.59 18.18 -14.70
N LEU A 84 3.45 18.29 -14.03
CA LEU A 84 2.25 18.83 -14.67
C LEU A 84 2.49 20.29 -15.12
N LEU A 85 3.06 21.09 -14.25
CA LEU A 85 3.35 22.48 -14.62
C LEU A 85 4.33 22.50 -15.81
N ALA A 86 5.39 21.69 -15.76
CA ALA A 86 6.39 21.63 -16.84
C ALA A 86 5.81 21.16 -18.17
N ALA A 87 4.77 20.33 -18.09
CA ALA A 87 4.02 19.90 -19.27
C ALA A 87 2.99 20.91 -19.81
N GLY A 88 2.89 22.09 -19.22
CA GLY A 88 1.98 23.13 -19.70
C GLY A 88 0.65 23.18 -19.00
N VAL A 89 0.50 22.42 -17.90
CA VAL A 89 -0.78 22.43 -17.18
C VAL A 89 -0.74 23.63 -16.23
N THR A 90 -1.21 24.78 -16.72
CA THR A 90 -1.11 26.01 -15.93
C THR A 90 -1.97 25.98 -14.68
N GLU A 91 -3.01 25.14 -14.67
CA GLU A 91 -3.92 25.04 -13.52
C GLU A 91 -3.44 24.13 -12.39
N ALA A 92 -2.20 23.63 -12.48
CA ALA A 92 -1.68 22.73 -11.43
C ALA A 92 -0.81 23.46 -10.42
N THR A 93 -1.15 24.71 -10.11
CA THR A 93 -0.41 25.46 -9.10
C THR A 93 -0.90 25.03 -7.74
N TYR A 94 -0.06 25.25 -6.74
CA TYR A 94 -0.36 24.77 -5.41
C TYR A 94 0.20 25.63 -4.30
N ASP A 95 -0.46 25.58 -3.14
CA ASP A 95 0.09 26.09 -1.91
C ASP A 95 0.60 24.92 -1.10
N LEU A 96 1.84 25.03 -0.64
CA LEU A 96 2.55 23.97 0.08
C LEU A 96 2.83 24.34 1.53
N TYR A 97 2.35 23.51 2.44
CA TYR A 97 2.44 23.78 3.85
C TYR A 97 3.12 22.65 4.61
N LYS A 98 3.97 23.06 5.56
CA LYS A 98 4.74 22.12 6.37
C LYS A 98 3.91 21.49 7.50
N ILE A 99 3.71 20.18 7.43
CA ILE A 99 3.14 19.43 8.54
C ILE A 99 4.30 18.67 9.21
N SER A 100 4.74 19.12 10.38
CA SER A 100 5.86 18.48 11.04
C SER A 100 5.37 17.27 11.78
N ILE A 101 5.84 16.11 11.35
CA ILE A 101 5.40 14.87 11.96
C ILE A 101 6.05 14.57 13.32
N MET A 102 7.25 15.13 13.54
CA MET A 102 7.87 15.12 14.87
C MET A 102 7.10 15.98 15.88
N ASP A 103 6.54 17.11 15.44
CA ASP A 103 5.76 17.98 16.32
C ASP A 103 4.35 17.46 16.54
N GLY A 104 3.90 16.50 15.76
CA GLY A 104 2.54 15.99 15.89
C GLY A 104 1.49 16.86 15.20
N ASP A 105 1.89 17.68 14.22
CA ASP A 105 0.93 18.46 13.42
C ASP A 105 -0.09 17.58 12.68
N GLN A 106 0.26 16.33 12.44
CA GLN A 106 -0.63 15.37 11.75
C GLN A 106 -1.81 14.91 12.61
N PHE A 107 -1.84 15.31 13.88
CA PHE A 107 -2.95 14.99 14.78
C PHE A 107 -3.83 16.19 15.10
N GLY A 108 -3.59 17.30 14.40
CA GLY A 108 -4.42 18.49 14.55
C GLY A 108 -5.76 18.31 13.87
N SER A 109 -6.78 18.98 14.38
CA SER A 109 -8.16 18.76 13.94
C SER A 109 -8.34 18.93 12.43
N ASP A 110 -7.84 20.01 11.84
CA ASP A 110 -8.03 20.23 10.40
C ASP A 110 -7.33 19.13 9.59
N PHE A 111 -6.12 18.75 9.99
CA PHE A 111 -5.41 17.76 9.24
C PHE A 111 -6.15 16.42 9.30
N VAL A 112 -6.66 16.08 10.47
CA VAL A 112 -7.37 14.82 10.66
C VAL A 112 -8.66 14.80 9.86
N LYS A 113 -9.25 15.97 9.66
CA LYS A 113 -10.46 16.09 8.86
C LYS A 113 -10.21 15.76 7.38
N ILE A 114 -9.03 16.13 6.86
CA ILE A 114 -8.60 15.75 5.51
C ILE A 114 -8.13 14.30 5.45
N ASN A 115 -7.35 13.87 6.42
CA ASN A 115 -6.85 12.52 6.46
C ASN A 115 -6.95 11.94 7.86
N PRO A 116 -7.98 11.14 8.11
CA PRO A 116 -8.18 10.59 9.44
C PRO A 116 -7.07 9.64 9.90
N ASN A 117 -6.29 9.15 8.94
CA ASN A 117 -5.13 8.29 9.21
C ASN A 117 -3.92 9.06 9.74
N SER A 118 -3.97 10.40 9.70
CA SER A 118 -2.88 11.23 10.23
C SER A 118 -1.50 10.89 9.63
N LYS A 119 -1.45 10.79 8.31
CA LYS A 119 -0.17 10.69 7.58
C LYS A 119 -0.11 11.73 6.48
N ILE A 120 1.07 12.27 6.27
CA ILE A 120 1.34 13.11 5.12
C ILE A 120 1.70 12.16 3.95
N PRO A 121 1.43 12.58 2.71
CA PRO A 121 0.79 13.84 2.30
C PRO A 121 -0.74 13.79 2.32
N ALA A 122 -1.34 14.95 2.43
CA ALA A 122 -2.79 15.07 2.27
C ALA A 122 -3.03 16.28 1.41
N LEU A 123 -4.03 16.19 0.54
CA LEU A 123 -4.29 17.20 -0.46
C LEU A 123 -5.75 17.61 -0.42
N LEU A 124 -5.98 18.91 -0.58
CA LEU A 124 -7.31 19.46 -0.82
C LEU A 124 -7.37 20.02 -2.23
N ASP A 125 -8.28 19.47 -3.05
CA ASP A 125 -8.55 20.01 -4.38
C ASP A 125 -9.72 20.96 -4.23
N GLN A 126 -9.46 22.27 -4.29
CA GLN A 126 -10.53 23.26 -4.19
C GLN A 126 -10.78 23.94 -5.53
N SER A 127 -10.44 23.27 -6.62
CA SER A 127 -10.70 23.81 -7.96
C SER A 127 -12.17 23.76 -8.34
N GLY A 128 -12.92 22.84 -7.75
CA GLY A 128 -14.32 22.65 -8.12
C GLY A 128 -15.28 23.41 -7.22
N HIS A 129 -16.55 23.03 -7.28
CA HIS A 129 -17.57 23.66 -6.46
C HIS A 129 -17.39 23.42 -4.95
N LYS A 130 -17.12 22.16 -4.59
CA LYS A 130 -16.78 21.80 -3.23
C LYS A 130 -15.38 21.16 -3.21
N PRO A 131 -14.63 21.37 -2.11
CA PRO A 131 -13.31 20.80 -2.03
C PRO A 131 -13.37 19.29 -1.92
N ILE A 132 -12.36 18.64 -2.45
CA ILE A 132 -12.27 17.19 -2.36
C ILE A 132 -10.96 16.84 -1.64
N PRO A 133 -11.06 16.19 -0.47
CA PRO A 133 -9.86 15.73 0.23
C PRO A 133 -9.32 14.44 -0.37
N VAL A 134 -8.00 14.40 -0.56
CA VAL A 134 -7.35 13.24 -1.17
C VAL A 134 -6.16 12.87 -0.29
N PHE A 135 -6.09 11.61 0.13
CA PHE A 135 -4.92 11.14 0.87
C PHE A 135 -4.43 9.80 0.33
N GLU A 136 -3.28 9.34 0.85
CA GLU A 136 -2.46 8.28 0.27
C GLU A 136 -1.72 8.82 -0.96
N SER A 137 -0.39 8.91 -0.86
CA SER A 137 0.43 9.54 -1.90
C SER A 137 0.16 9.01 -3.31
N ALA A 138 0.02 7.69 -3.44
CA ALA A 138 -0.26 7.06 -4.73
C ALA A 138 -1.64 7.43 -5.27
N ASN A 139 -2.62 7.54 -4.38
CA ASN A 139 -3.96 7.95 -4.81
C ASN A 139 -3.98 9.40 -5.25
N ILE A 140 -3.21 10.23 -4.54
CA ILE A 140 -3.06 11.62 -4.97
C ILE A 140 -2.44 11.69 -6.38
N LEU A 141 -1.41 10.89 -6.62
CA LEU A 141 -0.85 10.82 -7.97
C LEU A 141 -1.86 10.39 -9.01
N LEU A 142 -2.66 9.38 -8.71
CA LEU A 142 -3.65 8.91 -9.66
C LEU A 142 -4.72 9.97 -9.88
N TYR A 143 -5.10 10.65 -8.80
CA TYR A 143 -6.14 11.68 -8.86
C TYR A 143 -5.72 12.81 -9.82
N LEU A 144 -4.49 13.29 -9.64
CA LEU A 144 -3.95 14.35 -10.48
C LEU A 144 -3.77 13.88 -11.94
N ALA A 145 -3.33 12.64 -12.12
CA ALA A 145 -3.13 12.10 -13.47
C ALA A 145 -4.43 12.00 -14.26
N GLU A 146 -5.48 11.55 -13.60
CA GLU A 146 -6.80 11.44 -14.22
C GLU A 146 -7.43 12.79 -14.39
N LYS A 147 -7.16 13.71 -13.47
CA LYS A 147 -7.75 15.05 -13.57
C LYS A 147 -7.27 15.73 -14.85
N PHE A 148 -5.97 15.65 -15.11
CA PHE A 148 -5.38 16.36 -16.23
C PHE A 148 -5.01 15.49 -17.45
N GLY A 149 -5.27 14.20 -17.37
CA GLY A 149 -4.93 13.27 -18.45
C GLY A 149 -3.45 13.23 -18.81
N LYS A 150 -2.59 13.18 -17.81
CA LYS A 150 -1.16 13.12 -18.05
C LYS A 150 -0.48 12.15 -17.10
N LEU A 151 0.56 11.48 -17.57
CA LEU A 151 1.39 10.57 -16.77
C LEU A 151 0.65 9.29 -16.38
N ILE A 152 -0.42 9.02 -17.11
CA ILE A 152 -1.00 7.70 -17.15
C ILE A 152 -1.62 7.52 -18.54
N PRO A 153 -1.43 6.37 -19.19
CA PRO A 153 -2.03 6.20 -20.51
C PRO A 153 -3.55 6.14 -20.42
N SER A 154 -4.22 6.51 -21.51
CA SER A 154 -5.68 6.42 -21.57
C SER A 154 -6.18 5.06 -22.09
N ASP A 155 -5.35 4.32 -22.81
CA ASP A 155 -5.72 2.95 -23.24
C ASP A 155 -5.69 1.97 -22.06
N LEU A 156 -6.57 0.98 -22.07
CA LEU A 156 -6.71 0.06 -20.93
C LEU A 156 -5.44 -0.71 -20.58
N ALA A 157 -4.77 -1.26 -21.57
CA ALA A 157 -3.53 -2.01 -21.32
C ALA A 157 -2.46 -1.13 -20.68
N GLY A 158 -2.22 0.04 -21.25
CA GLY A 158 -1.24 0.99 -20.70
C GLY A 158 -1.59 1.45 -19.29
N ARG A 159 -2.85 1.79 -19.07
CA ARG A 159 -3.29 2.23 -17.75
C ARG A 159 -3.10 1.12 -16.71
N THR A 160 -3.52 -0.09 -17.07
CA THR A 160 -3.45 -1.21 -16.15
C THR A 160 -1.99 -1.52 -15.75
N GLU A 161 -1.06 -1.42 -16.68
CA GLU A 161 0.33 -1.68 -16.32
C GLU A 161 0.86 -0.61 -15.38
N VAL A 162 0.49 0.65 -15.60
CA VAL A 162 0.89 1.71 -14.65
C VAL A 162 0.31 1.42 -13.26
N LEU A 163 -0.98 1.08 -13.20
CA LEU A 163 -1.62 0.82 -11.91
C LEU A 163 -1.07 -0.40 -11.19
N ASN A 164 -0.69 -1.42 -11.94
CA ASN A 164 -0.05 -2.59 -11.34
C ASN A 164 1.14 -2.13 -10.47
N TRP A 165 1.97 -1.26 -11.04
CA TRP A 165 3.21 -0.83 -10.39
C TRP A 165 2.96 0.24 -9.35
N LEU A 166 1.93 1.07 -9.55
CA LEU A 166 1.57 2.09 -8.57
C LEU A 166 1.04 1.43 -7.29
N PHE A 167 0.13 0.48 -7.43
CA PHE A 167 -0.33 -0.26 -6.25
C PHE A 167 0.83 -1.08 -5.67
N TRP A 168 1.66 -1.65 -6.52
CA TRP A 168 2.84 -2.41 -6.02
C TRP A 168 3.64 -1.55 -5.07
N GLN A 169 3.92 -0.32 -5.50
CA GLN A 169 4.74 0.60 -4.70
C GLN A 169 4.10 0.85 -3.35
N THR A 170 2.79 1.03 -3.34
CA THR A 170 2.06 1.33 -2.13
C THR A 170 2.12 0.15 -1.15
N GLY A 171 2.04 -1.06 -1.69
CA GLY A 171 2.12 -2.27 -0.87
C GLY A 171 3.53 -2.72 -0.51
N ALA A 172 4.56 -2.17 -1.17
CA ALA A 172 5.95 -2.59 -0.95
C ALA A 172 6.72 -1.65 -0.04
N ALA A 173 6.41 -0.36 -0.11
CA ALA A 173 7.14 0.63 0.66
C ALA A 173 7.07 0.46 2.18
N PRO A 174 5.95 -0.06 2.74
CA PRO A 174 5.95 -0.34 4.16
C PRO A 174 7.05 -1.28 4.61
N PHE A 175 7.43 -2.23 3.75
CA PHE A 175 8.55 -3.12 4.08
C PHE A 175 9.86 -2.34 4.07
N LEU A 176 9.97 -1.38 3.16
CA LEU A 176 11.20 -0.59 3.00
C LEU A 176 11.37 0.45 4.09
N GLY A 177 10.31 1.20 4.37
CA GLY A 177 10.34 2.25 5.39
C GLY A 177 10.03 1.75 6.80
N GLY A 178 8.88 1.09 6.94
CA GLY A 178 8.42 0.56 8.22
C GLY A 178 9.16 -0.66 8.72
N GLY A 179 9.81 -1.38 7.82
CA GLY A 179 10.63 -2.56 8.18
C GLY A 179 12.12 -2.24 8.14
N PHE A 180 12.65 -2.13 6.94
CA PHE A 180 14.08 -1.92 6.80
C PHE A 180 14.53 -0.61 7.42
N GLY A 181 13.90 0.48 7.00
CA GLY A 181 14.24 1.80 7.51
C GLY A 181 14.23 1.85 9.02
N HIS A 182 13.13 1.38 9.61
CA HIS A 182 13.01 1.44 11.06
C HIS A 182 14.10 0.66 11.79
N PHE A 183 14.24 -0.62 11.43
CA PHE A 183 15.18 -1.48 12.15
C PHE A 183 16.65 -1.18 11.83
N PHE A 184 16.93 -0.71 10.61
CA PHE A 184 18.29 -0.33 10.21
C PHE A 184 18.72 0.99 10.82
N ASN A 185 17.80 1.93 10.89
CA ASN A 185 18.12 3.33 11.20
C ASN A 185 17.57 3.85 12.52
N TYR A 186 16.35 3.44 12.91
CA TYR A 186 15.65 4.11 14.01
C TYR A 186 15.54 3.32 15.31
N ALA A 187 15.39 2.00 15.20
CA ALA A 187 15.31 1.16 16.38
C ALA A 187 16.54 1.41 17.29
N PRO A 188 16.33 1.53 18.61
CA PRO A 188 17.47 1.81 19.48
C PRO A 188 18.58 0.74 19.46
N GLU A 189 18.20 -0.52 19.27
CA GLU A 189 19.15 -1.62 19.14
C GLU A 189 19.08 -2.24 17.75
N LYS A 190 20.22 -2.70 17.25
CA LYS A 190 20.28 -3.41 15.97
C LYS A 190 19.92 -4.88 16.20
N LEU A 191 18.75 -5.27 15.73
CA LEU A 191 18.23 -6.60 15.99
C LEU A 191 18.38 -7.47 14.75
N GLU A 192 19.02 -8.62 14.91
CA GLU A 192 19.48 -9.45 13.80
C GLU A 192 18.33 -9.97 12.95
N TYR A 193 17.35 -10.59 13.59
CA TYR A 193 16.32 -11.27 12.81
C TYR A 193 15.49 -10.24 12.01
N PRO A 194 14.99 -9.16 12.64
CA PRO A 194 14.26 -8.14 11.88
C PRO A 194 15.10 -7.51 10.78
N ILE A 195 16.36 -7.20 11.06
CA ILE A 195 17.21 -6.62 10.02
C ILE A 195 17.39 -7.57 8.82
N ASN A 196 17.67 -8.84 9.09
CA ASN A 196 17.81 -9.80 8.01
C ASN A 196 16.50 -10.01 7.24
N ARG A 197 15.37 -10.05 7.93
CA ARG A 197 14.08 -10.20 7.26
C ARG A 197 13.85 -9.05 6.29
N PHE A 198 13.97 -7.83 6.79
CA PHE A 198 13.58 -6.66 6.02
C PHE A 198 14.66 -6.23 5.03
N THR A 199 15.92 -6.58 5.29
CA THR A 199 16.95 -6.29 4.31
C THR A 199 16.81 -7.25 3.14
N MET A 200 16.47 -8.51 3.42
CA MET A 200 16.32 -9.48 2.34
C MET A 200 15.16 -9.03 1.42
N GLU A 201 14.06 -8.61 2.01
CA GLU A 201 12.90 -8.15 1.25
C GLU A 201 13.26 -6.90 0.43
N ALA A 202 13.98 -5.96 1.04
CA ALA A 202 14.40 -4.76 0.31
C ALA A 202 15.20 -5.14 -0.90
N LYS A 203 16.11 -6.11 -0.73
CA LYS A 203 16.93 -6.52 -1.85
C LYS A 203 16.13 -7.23 -2.93
N ARG A 204 15.17 -8.03 -2.53
CA ARG A 204 14.31 -8.69 -3.50
C ARG A 204 13.63 -7.58 -4.34
N GLN A 205 13.16 -6.54 -3.67
CA GLN A 205 12.47 -5.44 -4.35
C GLN A 205 13.38 -4.69 -5.31
N LEU A 206 14.61 -4.40 -4.86
CA LEU A 206 15.59 -3.76 -5.73
C LEU A 206 15.91 -4.63 -6.96
N ASP A 207 16.06 -5.93 -6.75
CA ASP A 207 16.32 -6.84 -7.85
C ASP A 207 15.14 -6.92 -8.83
N LEU A 208 13.92 -7.02 -8.29
CA LEU A 208 12.73 -6.97 -9.10
C LEU A 208 12.75 -5.74 -10.01
N LEU A 209 12.98 -4.57 -9.42
CA LEU A 209 12.93 -3.34 -10.18
C LEU A 209 14.07 -3.30 -11.18
N ASP A 210 15.28 -3.67 -10.75
CA ASP A 210 16.42 -3.71 -11.66
C ASP A 210 16.15 -4.54 -12.91
N LYS A 211 15.56 -5.72 -12.72
CA LYS A 211 15.25 -6.61 -13.82
C LYS A 211 14.18 -6.05 -14.76
N GLU A 212 13.18 -5.37 -14.22
CA GLU A 212 12.17 -4.72 -15.08
C GLU A 212 12.82 -3.62 -15.92
N LEU A 213 13.64 -2.80 -15.28
CA LEU A 213 14.20 -1.62 -15.92
C LEU A 213 15.34 -1.96 -16.90
N ALA A 214 15.81 -3.21 -16.88
CA ALA A 214 16.71 -3.71 -17.92
C ALA A 214 15.95 -3.92 -19.24
N LYS A 215 14.64 -4.16 -19.15
CA LYS A 215 13.82 -4.46 -20.32
C LYS A 215 13.05 -3.28 -20.88
N LYS A 216 12.88 -2.23 -20.08
CA LYS A 216 12.00 -1.12 -20.43
C LYS A 216 12.65 0.15 -19.96
N ALA A 217 12.35 1.26 -20.64
CA ALA A 217 12.97 2.54 -20.27
C ALA A 217 12.45 3.06 -18.94
N TYR A 218 11.15 2.84 -18.70
CA TYR A 218 10.48 3.24 -17.45
C TYR A 218 9.72 1.99 -16.96
N ILE A 219 9.19 2.05 -15.75
CA ILE A 219 8.69 0.85 -15.08
C ILE A 219 7.49 0.22 -15.81
N ALA A 220 6.65 1.04 -16.45
CA ALA A 220 5.49 0.55 -17.17
C ALA A 220 5.65 0.57 -18.70
N GLY A 221 6.85 0.80 -19.21
CA GLY A 221 7.08 0.72 -20.68
C GLY A 221 7.93 1.86 -21.19
N GLU A 222 7.63 2.38 -22.38
CA GLU A 222 8.46 3.42 -23.00
C GLU A 222 8.18 4.82 -22.46
N ASP A 223 7.09 4.99 -21.72
CA ASP A 223 6.71 6.30 -21.18
C ASP A 223 6.75 6.36 -19.65
N TYR A 224 7.31 7.47 -19.17
CA TYR A 224 7.29 7.88 -17.78
C TYR A 224 5.87 8.04 -17.29
N SER A 225 5.63 7.61 -16.06
CA SER A 225 4.28 7.59 -15.49
C SER A 225 4.30 7.92 -14.02
N ILE A 226 3.12 8.09 -13.46
CA ILE A 226 3.01 8.24 -12.02
C ILE A 226 3.64 7.06 -11.28
N ALA A 227 3.70 5.89 -11.88
CA ALA A 227 4.34 4.77 -11.19
C ALA A 227 5.84 5.00 -11.03
N ASP A 228 6.48 5.64 -12.02
CA ASP A 228 7.90 5.95 -11.89
C ASP A 228 8.10 6.97 -10.79
N ILE A 229 7.23 7.97 -10.71
CA ILE A 229 7.36 8.98 -9.66
C ILE A 229 7.27 8.35 -8.28
N ALA A 230 6.27 7.51 -8.06
CA ALA A 230 6.06 6.84 -6.80
C ALA A 230 7.26 5.95 -6.43
N ILE A 231 7.74 5.19 -7.39
CA ILE A 231 8.84 4.26 -7.14
C ILE A 231 10.15 5.03 -6.94
N TRP A 232 10.39 6.04 -7.78
CA TRP A 232 11.63 6.80 -7.71
C TRP A 232 11.80 7.46 -6.34
N SER A 233 10.72 8.04 -5.85
CA SER A 233 10.72 8.78 -4.60
C SER A 233 11.24 7.98 -3.39
N TRP A 234 11.02 6.67 -3.41
CA TRP A 234 11.64 5.75 -2.47
C TRP A 234 12.92 5.10 -3.04
N TYR A 235 12.79 4.25 -4.06
CA TYR A 235 13.89 3.36 -4.49
C TYR A 235 14.96 4.13 -5.23
N GLY A 236 14.54 5.15 -5.97
CA GLY A 236 15.46 6.00 -6.71
C GLY A 236 16.34 6.77 -5.75
N GLN A 237 15.70 7.43 -4.79
CA GLN A 237 16.44 8.18 -3.80
C GLN A 237 17.32 7.25 -2.95
N LEU A 238 16.81 6.06 -2.65
CA LEU A 238 17.52 5.06 -1.87
C LEU A 238 18.85 4.68 -2.53
N VAL A 239 18.80 4.30 -3.81
CA VAL A 239 20.02 3.93 -4.52
C VAL A 239 20.93 5.12 -4.80
N GLN A 240 20.40 6.33 -4.72
CA GLN A 240 21.25 7.54 -4.86
C GLN A 240 21.87 7.99 -3.55
N ASP A 241 21.68 7.19 -2.51
CA ASP A 241 22.30 7.45 -1.21
C ASP A 241 21.70 8.65 -0.48
N LYS A 242 20.48 9.03 -0.86
CA LYS A 242 19.79 10.18 -0.26
C LYS A 242 18.94 9.89 0.97
N LEU A 243 18.76 8.61 1.30
CA LEU A 243 17.94 8.23 2.43
C LEU A 243 18.79 7.91 3.67
N TYR A 244 18.46 6.83 4.37
CA TYR A 244 19.12 6.58 5.65
C TYR A 244 20.63 6.43 5.47
N PRO A 245 21.41 7.05 6.35
CA PRO A 245 22.87 6.97 6.27
C PRO A 245 23.38 5.52 6.27
N GLY A 246 24.26 5.19 5.32
CA GLY A 246 24.82 3.86 5.20
C GLY A 246 23.96 2.85 4.47
N ALA A 247 22.72 3.20 4.12
CA ALA A 247 21.78 2.18 3.63
C ALA A 247 22.12 1.76 2.21
N ALA A 248 22.49 2.71 1.36
CA ALA A 248 22.84 2.38 -0.02
C ALA A 248 24.05 1.43 -0.04
N GLU A 249 25.02 1.69 0.82
CA GLU A 249 26.19 0.80 0.98
C GLU A 249 25.76 -0.56 1.52
N PHE A 250 24.92 -0.57 2.57
CA PHE A 250 24.45 -1.79 3.20
C PHE A 250 23.73 -2.73 2.24
N LEU A 251 22.96 -2.13 1.33
CA LEU A 251 22.14 -2.85 0.37
C LEU A 251 22.84 -3.17 -0.94
N ASP A 252 24.10 -2.75 -1.06
CA ASP A 252 24.85 -2.91 -2.31
C ASP A 252 24.14 -2.25 -3.49
N ALA A 253 23.66 -1.03 -3.27
CA ALA A 253 22.82 -0.33 -4.25
C ALA A 253 23.44 -0.21 -5.64
N ALA A 254 24.75 0.01 -5.71
CA ALA A 254 25.39 0.23 -7.00
C ALA A 254 25.45 -1.04 -7.87
N SER A 255 25.24 -2.20 -7.26
CA SER A 255 25.14 -3.45 -8.00
C SER A 255 23.87 -3.56 -8.87
N TYR A 256 22.85 -2.75 -8.58
CA TYR A 256 21.61 -2.71 -9.39
C TYR A 256 21.77 -1.65 -10.46
N LYS A 257 22.36 -2.04 -11.59
CA LYS A 257 22.84 -1.08 -12.58
C LYS A 257 21.75 -0.45 -13.44
N HIS A 258 20.69 -1.19 -13.72
CA HIS A 258 19.57 -0.67 -14.52
C HIS A 258 18.70 0.26 -13.66
N LEU A 259 18.39 -0.18 -12.44
CA LEU A 259 17.71 0.67 -11.46
C LEU A 259 18.49 1.95 -11.19
N SER A 260 19.80 1.84 -11.03
CA SER A 260 20.62 3.02 -10.72
C SER A 260 20.67 4.02 -11.88
N ALA A 261 20.75 3.53 -13.11
CA ALA A 261 20.74 4.40 -14.29
C ALA A 261 19.40 5.08 -14.47
N TRP A 262 18.34 4.33 -14.24
CA TRP A 262 16.99 4.91 -14.28
C TRP A 262 16.83 5.97 -13.20
N ALA A 263 17.39 5.72 -12.00
CA ALA A 263 17.32 6.68 -10.91
C ALA A 263 18.05 7.99 -11.22
N GLU A 264 19.20 7.89 -11.87
CA GLU A 264 19.97 9.06 -12.29
C GLU A 264 19.24 9.88 -13.35
N LYS A 265 18.67 9.16 -14.31
CA LYS A 265 17.91 9.71 -15.41
C LYS A 265 16.75 10.55 -14.88
N ILE A 266 16.00 10.00 -13.93
CA ILE A 266 14.86 10.72 -13.38
C ILE A 266 15.30 11.87 -12.49
N ALA A 267 16.39 11.68 -11.74
CA ALA A 267 16.88 12.77 -10.89
C ALA A 267 17.29 14.01 -11.66
N ALA A 268 17.67 13.84 -12.91
CA ALA A 268 18.09 14.96 -13.74
C ALA A 268 16.90 15.72 -14.29
N ARG A 269 15.69 15.18 -14.22
CA ARG A 269 14.52 15.91 -14.74
C ARG A 269 14.31 17.21 -13.99
N PRO A 270 14.08 18.30 -14.71
CA PRO A 270 13.85 19.58 -14.06
C PRO A 270 12.69 19.61 -13.05
N ALA A 271 11.56 18.95 -13.33
CA ALA A 271 10.43 18.94 -12.39
C ALA A 271 10.76 18.12 -11.13
N VAL A 272 11.62 17.12 -11.27
CA VAL A 272 12.08 16.37 -10.12
C VAL A 272 12.94 17.25 -9.19
N GLN A 273 13.84 18.01 -9.78
CA GLN A 273 14.65 18.95 -8.99
C GLN A 273 13.77 19.98 -8.31
N ARG A 274 12.82 20.54 -9.04
CA ARG A 274 11.91 21.53 -8.48
C ARG A 274 11.04 20.94 -7.34
N GLY A 275 10.61 19.69 -7.52
CA GLY A 275 9.79 19.01 -6.51
C GLY A 275 10.57 18.81 -5.22
N LEU A 276 11.83 18.42 -5.35
CA LEU A 276 12.71 18.28 -4.21
C LEU A 276 13.00 19.60 -3.53
N ALA A 277 13.04 20.67 -4.31
CA ALA A 277 13.44 21.96 -3.80
C ALA A 277 12.26 22.75 -3.28
N ALA A 278 11.02 22.27 -3.44
CA ALA A 278 9.86 23.10 -3.07
C ALA A 278 9.95 23.59 -1.62
N GLU A 279 9.46 24.80 -1.36
CA GLU A 279 9.48 25.32 0.01
C GLU A 279 8.14 25.13 0.75
N TYR A 280 8.23 24.48 1.91
CA TYR A 280 7.09 24.15 2.75
C TYR A 280 6.84 25.31 3.69
N GLN A 281 5.73 26.00 3.52
CA GLN A 281 5.39 27.17 4.32
C GLN A 281 4.94 26.79 5.71
N GLU A 282 5.14 27.70 6.65
CA GLU A 282 4.76 27.44 8.05
C GLU A 282 3.23 27.52 8.21
N ILE A 283 2.71 26.73 9.16
CA ILE A 283 1.28 26.70 9.48
C ILE A 283 0.97 27.36 10.84
N LYS A 284 2.01 27.76 11.56
CA LYS A 284 1.89 28.25 12.92
C LYS A 284 3.08 29.17 13.20
N THR B 24 25.33 -9.85 21.66
CA THR B 24 25.34 -8.67 20.74
C THR B 24 25.61 -9.11 19.31
N TYR B 25 24.78 -8.62 18.38
CA TYR B 25 24.93 -8.85 16.95
C TYR B 25 25.63 -7.63 16.33
N GLN B 26 26.59 -7.89 15.43
CA GLN B 26 27.34 -6.83 14.75
C GLN B 26 26.76 -6.56 13.38
N LEU B 27 26.34 -5.31 13.16
CA LEU B 27 25.80 -4.86 11.88
C LEU B 27 26.95 -4.68 10.87
N PRO B 28 26.96 -5.46 9.77
CA PRO B 28 28.07 -5.29 8.81
C PRO B 28 27.89 -4.04 7.98
N LYS B 29 28.95 -3.61 7.31
CA LYS B 29 28.88 -2.49 6.39
C LYS B 29 28.00 -2.80 5.17
N VAL B 30 28.12 -4.03 4.69
CA VAL B 30 27.38 -4.56 3.53
C VAL B 30 26.69 -5.86 3.93
N TRP B 31 25.38 -5.93 3.72
CA TRP B 31 24.62 -7.12 4.05
C TRP B 31 24.86 -8.25 3.04
N SER B 32 25.06 -9.46 3.55
CA SER B 32 25.18 -10.63 2.68
C SER B 32 24.52 -11.91 3.19
N ALA B 33 23.63 -11.82 4.16
CA ALA B 33 23.10 -13.03 4.80
C ALA B 33 21.93 -13.69 4.05
N ALA B 34 22.24 -14.16 2.84
CA ALA B 34 21.26 -14.76 1.95
C ALA B 34 20.64 -16.02 2.55
N ASP B 35 21.40 -16.69 3.40
CA ASP B 35 21.01 -17.97 4.03
C ASP B 35 20.30 -17.81 5.37
N SER B 36 20.09 -16.57 5.82
CA SER B 36 19.48 -16.27 7.13
C SER B 36 18.09 -16.90 7.32
N ASP B 37 17.79 -17.25 8.57
CA ASP B 37 16.51 -17.85 8.97
C ASP B 37 15.40 -16.84 8.64
N GLN B 38 14.34 -17.31 7.99
CA GLN B 38 13.17 -16.47 7.66
C GLN B 38 11.87 -17.07 8.21
N GLY B 39 11.97 -17.92 9.23
CA GLY B 39 10.79 -18.59 9.78
C GLY B 39 10.16 -19.63 8.84
N LYS B 40 8.82 -19.65 8.80
CA LYS B 40 8.08 -20.59 7.94
C LYS B 40 8.47 -20.49 6.46
N PHE B 41 8.85 -19.28 6.04
CA PHE B 41 9.15 -18.99 4.63
C PHE B 41 10.63 -19.06 4.29
N SER B 42 11.41 -19.73 5.13
CA SER B 42 12.80 -20.03 4.79
C SER B 42 12.81 -20.86 3.50
N GLY B 43 13.68 -20.50 2.56
CA GLY B 43 13.69 -21.18 1.25
C GLY B 43 12.83 -20.47 0.22
N ILE B 44 11.62 -20.09 0.60
CA ILE B 44 10.75 -19.29 -0.26
C ILE B 44 11.29 -17.87 -0.39
N ASN B 45 11.49 -17.20 0.74
CA ASN B 45 12.05 -15.84 0.75
C ASN B 45 13.50 -15.83 0.32
N GLN B 46 13.82 -14.93 -0.61
CA GLN B 46 15.19 -14.74 -1.13
C GLN B 46 15.44 -13.24 -1.37
N PRO B 47 16.73 -12.83 -1.42
CA PRO B 47 17.12 -11.44 -1.72
C PRO B 47 17.08 -11.11 -3.20
N THR B 48 16.67 -12.08 -4.03
CA THR B 48 16.54 -11.87 -5.47
C THR B 48 15.15 -12.26 -5.94
N ALA B 49 14.78 -11.72 -7.09
CA ALA B 49 13.47 -11.93 -7.68
C ALA B 49 13.59 -12.75 -8.93
N GLY B 50 12.46 -13.20 -9.45
CA GLY B 50 12.43 -13.76 -10.80
C GLY B 50 12.11 -15.24 -10.88
N VAL B 51 12.22 -15.76 -12.10
CA VAL B 51 11.78 -17.12 -12.42
C VAL B 51 12.74 -18.14 -11.81
N ARG B 52 12.18 -19.16 -11.18
CA ARG B 52 12.98 -20.29 -10.66
C ARG B 52 12.81 -21.60 -11.44
N PHE B 53 11.75 -21.72 -12.22
CA PHE B 53 11.55 -22.90 -13.04
C PHE B 53 10.49 -22.66 -14.13
N GLU B 54 10.52 -23.48 -15.18
CA GLU B 54 9.56 -23.37 -16.30
C GLU B 54 8.20 -23.95 -15.92
N GLN B 55 7.14 -23.20 -16.18
CA GLN B 55 5.81 -23.57 -15.72
C GLN B 55 4.81 -23.11 -16.74
N LYS B 56 3.96 -24.03 -17.20
CA LYS B 56 2.83 -23.62 -18.04
C LYS B 56 1.58 -23.69 -17.21
N LEU B 57 0.92 -22.55 -17.08
CA LEU B 57 -0.30 -22.45 -16.31
C LEU B 57 -1.48 -22.80 -17.19
N PRO B 58 -2.47 -23.47 -16.61
CA PRO B 58 -3.71 -23.74 -17.36
C PRO B 58 -4.46 -22.45 -17.66
N VAL B 59 -5.15 -22.44 -18.78
CA VAL B 59 -6.04 -21.36 -19.16
C VAL B 59 -7.36 -21.99 -19.57
N GLY B 60 -8.44 -21.62 -18.88
CA GLY B 60 -9.78 -22.13 -19.14
C GLY B 60 -10.58 -21.27 -20.10
N LYS B 61 -11.91 -21.42 -20.02
CA LYS B 61 -12.81 -20.77 -20.99
C LYS B 61 -13.39 -19.44 -20.51
N GLU B 62 -13.38 -19.21 -19.21
CA GLU B 62 -14.04 -18.02 -18.66
C GLU B 62 -13.28 -16.73 -18.96
N PRO B 63 -13.99 -15.58 -18.97
CA PRO B 63 -13.31 -14.33 -19.28
C PRO B 63 -12.16 -13.97 -18.33
N PHE B 64 -12.23 -14.42 -17.07
CA PHE B 64 -11.22 -14.11 -16.06
C PHE B 64 -10.54 -15.36 -15.54
N GLN B 65 -9.21 -15.38 -15.62
CA GLN B 65 -8.39 -16.44 -15.07
C GLN B 65 -7.73 -15.90 -13.81
N LEU B 66 -7.93 -16.61 -12.70
CA LEU B 66 -7.47 -16.17 -11.40
C LEU B 66 -6.51 -17.20 -10.81
N TYR B 67 -5.28 -16.74 -10.62
CA TYR B 67 -4.19 -17.56 -10.11
C TYR B 67 -3.88 -17.06 -8.73
N SER B 68 -4.34 -17.81 -7.74
CA SER B 68 -4.49 -17.27 -6.40
C SER B 68 -4.54 -18.39 -5.35
N LEU B 69 -4.83 -17.98 -4.12
CA LEU B 69 -4.85 -18.87 -2.96
C LEU B 69 -5.76 -18.19 -1.95
N GLY B 70 -6.47 -18.99 -1.14
CA GLY B 70 -7.43 -18.47 -0.14
C GLY B 70 -6.79 -17.79 1.08
N THR B 71 -6.14 -16.67 0.84
CA THR B 71 -5.52 -15.85 1.87
C THR B 71 -6.32 -14.55 1.93
N PRO B 72 -6.02 -13.66 2.89
CA PRO B 72 -6.72 -12.38 2.91
C PRO B 72 -6.65 -11.65 1.57
N ASN B 73 -5.50 -11.67 0.90
CA ASN B 73 -5.40 -10.99 -0.38
C ASN B 73 -6.11 -11.69 -1.53
N GLY B 74 -6.09 -13.02 -1.52
CA GLY B 74 -6.80 -13.77 -2.54
C GLY B 74 -8.32 -13.69 -2.45
N VAL B 75 -8.86 -13.77 -1.23
CA VAL B 75 -10.31 -13.77 -1.05
C VAL B 75 -10.95 -12.46 -1.50
N LYS B 76 -10.19 -11.36 -1.46
CA LYS B 76 -10.71 -10.11 -2.00
C LYS B 76 -11.27 -10.28 -3.42
N VAL B 77 -10.55 -11.05 -4.24
CA VAL B 77 -10.87 -11.11 -5.64
C VAL B 77 -12.04 -12.06 -5.94
N THR B 78 -12.07 -13.21 -5.27
CA THR B 78 -13.23 -14.10 -5.43
C THR B 78 -14.51 -13.45 -4.89
N ILE B 79 -14.39 -12.74 -3.78
CA ILE B 79 -15.52 -12.01 -3.24
C ILE B 79 -16.01 -10.98 -4.26
N MET B 80 -15.09 -10.20 -4.83
CA MET B 80 -15.47 -9.20 -5.81
C MET B 80 -16.20 -9.81 -7.00
N LEU B 81 -15.65 -10.92 -7.50
CA LEU B 81 -16.25 -11.57 -8.68
C LEU B 81 -17.66 -12.09 -8.37
N GLU B 82 -17.82 -12.68 -7.18
CA GLU B 82 -19.12 -13.17 -6.74
C GLU B 82 -20.11 -12.03 -6.50
N GLU B 83 -19.62 -10.88 -6.04
CA GLU B 83 -20.50 -9.73 -5.82
C GLU B 83 -21.03 -9.25 -7.16
N LEU B 84 -20.16 -9.23 -8.17
CA LEU B 84 -20.52 -8.83 -9.52
C LEU B 84 -21.53 -9.81 -10.07
N LEU B 85 -21.25 -11.10 -9.94
CA LEU B 85 -22.20 -12.14 -10.37
C LEU B 85 -23.55 -11.99 -9.70
N ALA B 86 -23.55 -11.75 -8.38
CA ALA B 86 -24.80 -11.60 -7.64
C ALA B 86 -25.60 -10.35 -8.04
N ALA B 87 -24.94 -9.35 -8.62
CA ALA B 87 -25.61 -8.14 -9.12
C ALA B 87 -26.06 -8.26 -10.59
N GLY B 88 -25.89 -9.45 -11.16
CA GLY B 88 -26.35 -9.73 -12.51
C GLY B 88 -25.34 -9.45 -13.60
N VAL B 89 -24.08 -9.24 -13.22
CA VAL B 89 -23.02 -9.04 -14.20
C VAL B 89 -22.57 -10.44 -14.63
N THR B 90 -23.09 -10.91 -15.77
CA THR B 90 -22.98 -12.32 -16.15
C THR B 90 -21.61 -12.66 -16.69
N GLU B 91 -20.91 -11.63 -17.16
CA GLU B 91 -19.56 -11.77 -17.68
C GLU B 91 -18.49 -12.00 -16.60
N ALA B 92 -18.85 -11.88 -15.32
CA ALA B 92 -17.86 -11.95 -14.24
C ALA B 92 -17.58 -13.39 -13.78
N THR B 93 -17.68 -14.34 -14.70
CA THR B 93 -17.34 -15.74 -14.42
C THR B 93 -15.84 -15.93 -14.55
N TYR B 94 -15.32 -16.93 -13.84
CA TYR B 94 -13.90 -17.08 -13.70
C TYR B 94 -13.48 -18.51 -13.51
N ASP B 95 -12.26 -18.79 -13.96
CA ASP B 95 -11.56 -20.02 -13.64
C ASP B 95 -10.54 -19.73 -12.54
N LEU B 96 -10.60 -20.53 -11.49
CA LEU B 96 -9.79 -20.30 -10.31
C LEU B 96 -8.78 -21.43 -10.11
N TYR B 97 -7.51 -21.06 -10.01
CA TYR B 97 -6.41 -22.04 -9.92
C TYR B 97 -5.58 -21.79 -8.70
N LYS B 98 -5.15 -22.88 -8.08
CA LYS B 98 -4.37 -22.82 -6.87
C LYS B 98 -2.88 -22.57 -7.14
N ILE B 99 -2.36 -21.48 -6.60
CA ILE B 99 -0.94 -21.21 -6.63
C ILE B 99 -0.44 -21.45 -5.22
N SER B 100 0.30 -22.53 -5.01
CA SER B 100 0.78 -22.83 -3.66
C SER B 100 2.04 -22.03 -3.37
N ILE B 101 1.94 -21.08 -2.45
CA ILE B 101 3.09 -20.24 -2.12
C ILE B 101 4.17 -20.98 -1.31
N MET B 102 3.77 -22.00 -0.52
CA MET B 102 4.74 -22.84 0.20
C MET B 102 5.55 -23.73 -0.75
N ASP B 103 4.94 -24.13 -1.87
CA ASP B 103 5.60 -24.92 -2.92
C ASP B 103 6.44 -24.11 -3.89
N GLY B 104 6.28 -22.79 -3.90
CA GLY B 104 7.02 -21.94 -4.80
C GLY B 104 6.42 -21.81 -6.18
N ASP B 105 5.14 -22.12 -6.33
CA ASP B 105 4.45 -21.97 -7.61
C ASP B 105 4.49 -20.55 -8.16
N GLN B 106 4.64 -19.58 -7.26
CA GLN B 106 4.67 -18.14 -7.61
C GLN B 106 5.96 -17.75 -8.32
N PHE B 107 6.93 -18.68 -8.38
CA PHE B 107 8.18 -18.43 -9.08
C PHE B 107 8.27 -19.18 -10.42
N GLY B 108 7.17 -19.80 -10.83
CA GLY B 108 7.08 -20.43 -12.14
C GLY B 108 7.07 -19.41 -13.25
N SER B 109 7.60 -19.78 -14.41
CA SER B 109 7.76 -18.87 -15.53
C SER B 109 6.43 -18.22 -15.94
N ASP B 110 5.36 -19.00 -16.12
CA ASP B 110 4.08 -18.38 -16.56
C ASP B 110 3.54 -17.42 -15.50
N PHE B 111 3.58 -17.82 -14.24
CA PHE B 111 3.06 -16.94 -13.19
C PHE B 111 3.82 -15.60 -13.15
N VAL B 112 5.14 -15.69 -13.25
CA VAL B 112 6.01 -14.52 -13.23
C VAL B 112 5.75 -13.60 -14.44
N LYS B 113 5.29 -14.17 -15.54
CA LYS B 113 4.90 -13.39 -16.70
C LYS B 113 3.74 -12.46 -16.36
N ILE B 114 2.80 -12.98 -15.59
CA ILE B 114 1.60 -12.25 -15.18
C ILE B 114 1.94 -11.28 -14.06
N ASN B 115 2.65 -11.76 -13.03
CA ASN B 115 3.09 -10.91 -11.94
C ASN B 115 4.56 -11.12 -11.59
N PRO B 116 5.41 -10.21 -12.06
CA PRO B 116 6.85 -10.37 -11.85
C PRO B 116 7.28 -10.29 -10.38
N ASN B 117 6.41 -9.73 -9.54
CA ASN B 117 6.63 -9.66 -8.11
C ASN B 117 6.41 -11.00 -7.42
N SER B 118 5.84 -11.99 -8.12
CA SER B 118 5.66 -13.34 -7.59
C SER B 118 4.82 -13.37 -6.32
N LYS B 119 3.66 -12.72 -6.39
CA LYS B 119 2.69 -12.80 -5.34
C LYS B 119 1.30 -12.98 -5.92
N ILE B 120 0.48 -13.72 -5.19
CA ILE B 120 -0.93 -13.86 -5.49
C ILE B 120 -1.71 -12.76 -4.77
N PRO B 121 -2.88 -12.41 -5.29
CA PRO B 121 -3.47 -12.89 -6.53
C PRO B 121 -2.90 -12.24 -7.79
N ALA B 122 -2.98 -12.99 -8.89
CA ALA B 122 -2.71 -12.45 -10.21
C ALA B 122 -3.83 -12.89 -11.15
N LEU B 123 -4.24 -11.99 -12.02
CA LEU B 123 -5.40 -12.21 -12.86
C LEU B 123 -5.10 -11.94 -14.32
N LEU B 124 -5.71 -12.75 -15.18
CA LEU B 124 -5.80 -12.47 -16.61
C LEU B 124 -7.24 -12.17 -17.06
N ASP B 125 -7.41 -11.04 -17.73
CA ASP B 125 -8.66 -10.68 -18.37
C ASP B 125 -8.51 -11.08 -19.82
N GLN B 126 -9.16 -12.17 -20.20
CA GLN B 126 -9.14 -12.60 -21.59
C GLN B 126 -10.48 -12.35 -22.29
N SER B 127 -11.25 -11.39 -21.77
CA SER B 127 -12.55 -11.05 -22.37
C SER B 127 -12.38 -10.44 -23.76
N GLY B 128 -11.22 -9.82 -24.03
CA GLY B 128 -10.99 -9.09 -25.27
C GLY B 128 -10.04 -9.75 -26.25
N HIS B 129 -9.53 -8.96 -27.19
CA HIS B 129 -8.59 -9.44 -28.23
C HIS B 129 -7.37 -10.10 -27.59
N LYS B 130 -6.64 -9.31 -26.83
CA LYS B 130 -5.43 -9.76 -26.16
C LYS B 130 -5.67 -9.78 -24.65
N PRO B 131 -5.10 -10.79 -23.97
CA PRO B 131 -5.27 -10.86 -22.52
C PRO B 131 -4.53 -9.74 -21.80
N ILE B 132 -5.12 -9.22 -20.72
CA ILE B 132 -4.53 -8.16 -19.92
C ILE B 132 -4.19 -8.73 -18.54
N PRO B 133 -2.92 -8.66 -18.14
CA PRO B 133 -2.50 -9.14 -16.83
C PRO B 133 -2.69 -8.07 -15.75
N VAL B 134 -3.31 -8.47 -14.64
CA VAL B 134 -3.58 -7.58 -13.53
C VAL B 134 -3.05 -8.19 -12.24
N PHE B 135 -2.25 -7.42 -11.52
CA PHE B 135 -1.86 -7.84 -10.18
C PHE B 135 -1.96 -6.71 -9.16
N GLU B 136 -1.68 -7.07 -7.91
CA GLU B 136 -2.08 -6.31 -6.73
C GLU B 136 -3.58 -6.43 -6.50
N SER B 137 -3.95 -7.05 -5.39
CA SER B 137 -5.35 -7.35 -5.09
C SER B 137 -6.25 -6.11 -5.15
N ALA B 138 -5.78 -4.98 -4.64
CA ALA B 138 -6.59 -3.76 -4.65
C ALA B 138 -6.78 -3.25 -6.07
N ASN B 139 -5.73 -3.38 -6.89
CA ASN B 139 -5.78 -3.00 -8.30
C ASN B 139 -6.76 -3.87 -9.09
N ILE B 140 -6.74 -5.16 -8.82
CA ILE B 140 -7.70 -6.07 -9.43
C ILE B 140 -9.14 -5.65 -9.07
N LEU B 141 -9.37 -5.30 -7.81
CA LEU B 141 -10.70 -4.81 -7.42
C LEU B 141 -11.09 -3.55 -8.20
N LEU B 142 -10.17 -2.59 -8.30
CA LEU B 142 -10.43 -1.38 -9.07
C LEU B 142 -10.68 -1.68 -10.54
N TYR B 143 -9.88 -2.57 -11.13
CA TYR B 143 -9.99 -2.96 -12.54
C TYR B 143 -11.40 -3.51 -12.85
N LEU B 144 -11.85 -4.40 -11.99
CA LEU B 144 -13.16 -5.03 -12.17
C LEU B 144 -14.30 -4.03 -11.95
N ALA B 145 -14.15 -3.20 -10.94
CA ALA B 145 -15.14 -2.16 -10.67
C ALA B 145 -15.33 -1.21 -11.83
N GLU B 146 -14.23 -0.79 -12.45
CA GLU B 146 -14.32 0.16 -13.54
C GLU B 146 -14.81 -0.51 -14.80
N LYS B 147 -14.42 -1.77 -15.00
CA LYS B 147 -14.83 -2.49 -16.20
C LYS B 147 -16.35 -2.58 -16.26
N PHE B 148 -16.97 -2.86 -15.11
CA PHE B 148 -18.41 -3.14 -15.02
C PHE B 148 -19.23 -2.02 -14.39
N GLY B 149 -18.57 -0.98 -13.89
CA GLY B 149 -19.26 0.17 -13.28
C GLY B 149 -20.04 -0.19 -12.03
N LYS B 150 -19.43 -1.02 -11.20
CA LYS B 150 -20.06 -1.50 -9.99
C LYS B 150 -19.13 -1.35 -8.80
N LEU B 151 -19.69 -1.03 -7.65
CA LEU B 151 -19.02 -1.04 -6.38
C LEU B 151 -17.93 0.06 -6.22
N ILE B 152 -18.01 1.06 -7.07
CA ILE B 152 -17.36 2.33 -6.83
C ILE B 152 -18.30 3.37 -7.47
N PRO B 153 -18.49 4.54 -6.82
CA PRO B 153 -19.35 5.57 -7.44
C PRO B 153 -18.78 6.09 -8.72
N SER B 154 -19.64 6.57 -9.60
CA SER B 154 -19.18 7.19 -10.84
C SER B 154 -18.96 8.69 -10.71
N ASP B 155 -19.37 9.30 -9.61
CA ASP B 155 -19.12 10.72 -9.40
C ASP B 155 -17.74 10.88 -8.73
N LEU B 156 -17.02 11.92 -9.10
CA LEU B 156 -15.65 12.13 -8.65
C LEU B 156 -15.49 12.08 -7.11
N ALA B 157 -16.37 12.79 -6.38
CA ALA B 157 -16.24 12.83 -4.91
C ALA B 157 -16.36 11.45 -4.28
N GLY B 158 -17.37 10.70 -4.69
CA GLY B 158 -17.58 9.34 -4.16
C GLY B 158 -16.50 8.34 -4.56
N ARG B 159 -16.04 8.43 -5.80
CA ARG B 159 -14.93 7.60 -6.28
C ARG B 159 -13.68 7.88 -5.46
N THR B 160 -13.38 9.16 -5.26
CA THR B 160 -12.17 9.56 -4.54
C THR B 160 -12.16 9.04 -3.11
N GLU B 161 -13.30 9.09 -2.41
CA GLU B 161 -13.33 8.61 -1.04
C GLU B 161 -13.11 7.09 -0.98
N VAL B 162 -13.70 6.35 -1.92
CA VAL B 162 -13.42 4.89 -2.01
C VAL B 162 -11.93 4.63 -2.23
N LEU B 163 -11.34 5.39 -3.15
CA LEU B 163 -9.92 5.21 -3.45
C LEU B 163 -9.01 5.59 -2.31
N ASN B 164 -9.37 6.63 -1.54
CA ASN B 164 -8.62 6.99 -0.35
C ASN B 164 -8.43 5.76 0.53
N TRP B 165 -9.53 5.03 0.74
CA TRP B 165 -9.55 3.88 1.64
C TRP B 165 -8.99 2.59 1.01
N LEU B 166 -9.16 2.46 -0.30
CA LEU B 166 -8.57 1.32 -1.05
C LEU B 166 -7.07 1.40 -1.04
N PHE B 167 -6.54 2.57 -1.38
CA PHE B 167 -5.10 2.77 -1.24
C PHE B 167 -4.62 2.69 0.18
N TRP B 168 -5.42 3.21 1.11
CA TRP B 168 -5.08 3.12 2.52
C TRP B 168 -4.84 1.67 2.89
N GLN B 169 -5.77 0.82 2.51
CA GLN B 169 -5.69 -0.61 2.81
C GLN B 169 -4.40 -1.23 2.26
N THR B 170 -4.03 -0.84 1.04
CA THR B 170 -2.87 -1.41 0.35
C THR B 170 -1.58 -1.04 1.09
N GLY B 171 -1.54 0.18 1.64
CA GLY B 171 -0.41 0.66 2.42
C GLY B 171 -0.43 0.28 3.89
N ALA B 172 -1.58 -0.12 4.42
CA ALA B 172 -1.69 -0.51 5.83
C ALA B 172 -1.53 -2.00 6.07
N ALA B 173 -2.10 -2.81 5.18
CA ALA B 173 -2.06 -4.27 5.36
C ALA B 173 -0.65 -4.88 5.51
N PRO B 174 0.36 -4.34 4.81
CA PRO B 174 1.74 -4.86 4.98
C PRO B 174 2.23 -4.85 6.42
N PHE B 175 1.82 -3.84 7.19
CA PHE B 175 2.18 -3.78 8.61
C PHE B 175 1.43 -4.86 9.40
N LEU B 176 0.18 -5.07 9.03
CA LEU B 176 -0.64 -6.06 9.68
C LEU B 176 -0.15 -7.48 9.41
N GLY B 177 0.10 -7.80 8.14
CA GLY B 177 0.49 -9.14 7.74
C GLY B 177 1.96 -9.37 7.84
N GLY B 178 2.73 -8.42 7.30
CA GLY B 178 4.17 -8.53 7.18
C GLY B 178 4.95 -8.14 8.40
N GLY B 179 4.30 -7.37 9.29
CA GLY B 179 4.86 -6.96 10.57
C GLY B 179 4.22 -7.72 11.70
N PHE B 180 2.96 -7.39 12.02
CA PHE B 180 2.30 -8.05 13.14
C PHE B 180 2.19 -9.57 12.94
N GLY B 181 1.58 -9.98 11.83
CA GLY B 181 1.34 -11.38 11.56
C GLY B 181 2.62 -12.18 11.56
N HIS B 182 3.65 -11.65 10.92
CA HIS B 182 4.89 -12.39 10.83
C HIS B 182 5.44 -12.62 12.22
N PHE B 183 5.63 -11.54 12.98
CA PHE B 183 6.28 -11.66 14.29
C PHE B 183 5.45 -12.37 15.35
N PHE B 184 4.13 -12.28 15.24
CA PHE B 184 3.23 -12.89 16.18
C PHE B 184 3.08 -14.38 15.92
N ASN B 185 3.12 -14.78 14.65
CA ASN B 185 2.72 -16.13 14.25
C ASN B 185 3.79 -16.94 13.52
N TYR B 186 4.61 -16.32 12.68
CA TYR B 186 5.53 -17.09 11.81
C TYR B 186 7.02 -16.97 12.07
N ALA B 187 7.44 -16.04 12.94
CA ALA B 187 8.85 -15.94 13.31
C ALA B 187 9.20 -17.10 14.27
N PRO B 188 10.44 -17.61 14.20
CA PRO B 188 10.78 -18.77 15.05
C PRO B 188 10.74 -18.48 16.55
N GLU B 189 11.22 -17.30 16.95
CA GLU B 189 11.16 -16.85 18.34
C GLU B 189 10.19 -15.68 18.46
N LYS B 190 9.51 -15.59 19.60
CA LYS B 190 8.72 -14.41 19.98
C LYS B 190 9.64 -13.26 20.43
N LEU B 191 9.76 -12.25 19.57
CA LEU B 191 10.65 -11.11 19.80
C LEU B 191 9.85 -9.89 20.27
N GLU B 192 10.17 -9.44 21.48
CA GLU B 192 9.36 -8.45 22.18
C GLU B 192 9.23 -7.11 21.45
N TYR B 193 10.37 -6.56 21.04
CA TYR B 193 10.38 -5.24 20.45
C TYR B 193 9.58 -5.19 19.11
N PRO B 194 9.83 -6.14 18.19
CA PRO B 194 9.03 -6.12 16.95
C PRO B 194 7.56 -6.37 17.19
N ILE B 195 7.23 -7.27 18.11
CA ILE B 195 5.83 -7.52 18.42
C ILE B 195 5.16 -6.27 18.95
N ASN B 196 5.83 -5.54 19.84
CA ASN B 196 5.23 -4.31 20.38
C ASN B 196 5.08 -3.23 19.33
N ARG B 197 6.13 -3.09 18.53
CA ARG B 197 6.09 -2.12 17.45
CA ARG B 197 6.17 -2.20 17.38
C ARG B 197 4.92 -2.39 16.53
N PHE B 198 4.73 -3.64 16.09
CA PHE B 198 3.76 -3.94 15.08
C PHE B 198 2.39 -4.13 15.66
N THR B 199 2.30 -4.50 16.93
CA THR B 199 1.01 -4.60 17.59
C THR B 199 0.40 -3.20 17.83
N MET B 200 1.25 -2.26 18.25
CA MET B 200 0.79 -0.86 18.39
C MET B 200 0.20 -0.35 17.08
N GLU B 201 0.88 -0.63 15.98
CA GLU B 201 0.43 -0.16 14.67
C GLU B 201 -0.86 -0.85 14.26
N ALA B 202 -0.95 -2.16 14.51
CA ALA B 202 -2.18 -2.89 14.21
C ALA B 202 -3.37 -2.31 14.98
N LYS B 203 -3.14 -1.98 16.24
CA LYS B 203 -4.23 -1.41 17.05
C LYS B 203 -4.63 -0.02 16.59
N ARG B 204 -3.64 0.81 16.25
CA ARG B 204 -3.91 2.10 15.70
C ARG B 204 -4.83 1.94 14.47
N GLN B 205 -4.52 0.97 13.61
CA GLN B 205 -5.32 0.74 12.41
C GLN B 205 -6.74 0.29 12.74
N LEU B 206 -6.84 -0.65 13.69
CA LEU B 206 -8.16 -1.12 14.14
C LEU B 206 -8.99 0.02 14.73
N ASP B 207 -8.35 0.85 15.55
CA ASP B 207 -9.01 2.00 16.16
C ASP B 207 -9.51 3.00 15.12
N LEU B 208 -8.64 3.30 14.16
CA LEU B 208 -9.02 4.12 13.01
C LEU B 208 -10.29 3.62 12.33
N LEU B 209 -10.31 2.33 11.98
CA LEU B 209 -11.42 1.79 11.22
C LEU B 209 -12.69 1.78 12.08
N ASP B 210 -12.53 1.42 13.35
CA ASP B 210 -13.64 1.41 14.29
C ASP B 210 -14.30 2.79 14.38
N LYS B 211 -13.49 3.82 14.55
CA LYS B 211 -14.01 5.17 14.70
CA LYS B 211 -13.99 5.17 14.69
C LYS B 211 -14.69 5.64 13.41
N GLU B 212 -14.16 5.24 12.24
CA GLU B 212 -14.79 5.60 10.97
C GLU B 212 -16.16 4.92 10.84
N LEU B 213 -16.21 3.65 11.22
CA LEU B 213 -17.41 2.84 11.03
C LEU B 213 -18.45 3.14 12.09
N ALA B 214 -18.07 3.86 13.14
CA ALA B 214 -19.02 4.39 14.09
C ALA B 214 -19.87 5.50 13.47
N LYS B 215 -19.32 6.15 12.44
CA LYS B 215 -20.02 7.26 11.79
C LYS B 215 -20.67 6.93 10.45
N LYS B 216 -20.29 5.80 9.85
CA LYS B 216 -20.72 5.44 8.50
C LYS B 216 -21.05 3.97 8.46
N ALA B 217 -22.04 3.60 7.64
CA ALA B 217 -22.43 2.19 7.50
C ALA B 217 -21.29 1.39 6.93
N TYR B 218 -20.66 1.95 5.91
CA TYR B 218 -19.51 1.32 5.25
C TYR B 218 -18.33 2.31 5.26
N ILE B 219 -17.15 1.83 4.88
CA ILE B 219 -15.94 2.62 5.12
C ILE B 219 -15.93 3.93 4.35
N ALA B 220 -16.51 3.97 3.15
CA ALA B 220 -16.56 5.17 2.35
C ALA B 220 -17.94 5.84 2.34
N GLY B 221 -18.82 5.46 3.26
CA GLY B 221 -20.14 6.11 3.35
C GLY B 221 -21.29 5.14 3.46
N GLU B 222 -22.40 5.50 2.80
CA GLU B 222 -23.67 4.75 2.89
C GLU B 222 -23.64 3.46 2.12
N ASP B 223 -22.74 3.38 1.12
CA ASP B 223 -22.78 2.28 0.15
C ASP B 223 -21.53 1.40 0.25
N TYR B 224 -21.76 0.09 0.34
CA TYR B 224 -20.73 -0.92 0.22
C TYR B 224 -19.90 -0.74 -1.04
N SER B 225 -18.58 -0.88 -0.93
CA SER B 225 -17.69 -0.62 -2.04
C SER B 225 -16.51 -1.62 -2.08
N ILE B 226 -15.72 -1.52 -3.13
CA ILE B 226 -14.47 -2.31 -3.20
C ILE B 226 -13.53 -2.03 -2.01
N ALA B 227 -13.58 -0.83 -1.44
CA ALA B 227 -12.79 -0.56 -0.23
C ALA B 227 -13.20 -1.45 0.95
N ASP B 228 -14.51 -1.68 1.11
CA ASP B 228 -14.98 -2.57 2.15
C ASP B 228 -14.48 -3.99 1.91
N ILE B 229 -14.55 -4.44 0.66
CA ILE B 229 -14.10 -5.81 0.32
C ILE B 229 -12.62 -5.95 0.67
N ALA B 230 -11.83 -4.99 0.22
CA ALA B 230 -10.38 -4.99 0.52
C ALA B 230 -10.08 -4.99 2.01
N ILE B 231 -10.73 -4.11 2.75
CA ILE B 231 -10.48 -3.99 4.17
C ILE B 231 -11.07 -5.17 4.94
N TRP B 232 -12.28 -5.60 4.59
CA TRP B 232 -12.89 -6.72 5.32
C TRP B 232 -11.99 -7.95 5.27
N SER B 233 -11.41 -8.22 4.11
CA SER B 233 -10.67 -9.46 3.89
C SER B 233 -9.48 -9.61 4.83
N TRP B 234 -8.93 -8.49 5.27
CA TRP B 234 -7.91 -8.49 6.32
C TRP B 234 -8.52 -8.22 7.68
N TYR B 235 -9.02 -7.01 7.87
CA TYR B 235 -9.40 -6.53 9.21
C TYR B 235 -10.71 -7.16 9.73
N GLY B 236 -11.64 -7.42 8.82
CA GLY B 236 -12.89 -8.08 9.16
C GLY B 236 -12.63 -9.51 9.60
N GLN B 237 -11.89 -10.27 8.81
CA GLN B 237 -11.54 -11.64 9.20
C GLN B 237 -10.73 -11.67 10.48
N LEU B 238 -9.78 -10.73 10.61
CA LEU B 238 -8.99 -10.60 11.85
C LEU B 238 -9.90 -10.54 13.08
N VAL B 239 -10.81 -9.58 13.11
CA VAL B 239 -11.65 -9.41 14.30
C VAL B 239 -12.69 -10.52 14.42
N GLN B 240 -12.94 -11.25 13.34
CA GLN B 240 -13.78 -12.44 13.44
C GLN B 240 -13.01 -13.67 13.91
N ASP B 241 -11.76 -13.49 14.31
CA ASP B 241 -10.96 -14.57 14.84
C ASP B 241 -10.72 -15.65 13.81
N LYS B 242 -10.69 -15.27 12.54
CA LYS B 242 -10.45 -16.20 11.45
C LYS B 242 -8.99 -16.28 10.99
N LEU B 243 -8.15 -15.39 11.50
CA LEU B 243 -6.76 -15.34 11.08
C LEU B 243 -5.85 -16.03 12.11
N TYR B 244 -4.71 -15.44 12.41
CA TYR B 244 -3.72 -16.12 13.22
C TYR B 244 -4.31 -16.53 14.57
N PRO B 245 -4.03 -17.76 14.99
CA PRO B 245 -4.55 -18.25 16.26
C PRO B 245 -4.19 -17.34 17.42
N GLY B 246 -5.17 -16.96 18.23
CA GLY B 246 -4.95 -16.10 19.38
C GLY B 246 -4.77 -14.61 19.09
N ALA B 247 -4.81 -14.21 17.82
CA ALA B 247 -4.55 -12.80 17.48
C ALA B 247 -5.71 -11.90 17.87
N ALA B 248 -6.94 -12.31 17.55
CA ALA B 248 -8.11 -11.51 17.89
C ALA B 248 -8.10 -11.18 19.39
N GLU B 249 -7.85 -12.19 20.21
CA GLU B 249 -7.80 -12.02 21.65
C GLU B 249 -6.64 -11.11 22.04
N PHE B 250 -5.47 -11.35 21.44
CA PHE B 250 -4.26 -10.57 21.74
C PHE B 250 -4.49 -9.08 21.49
N LEU B 251 -5.23 -8.77 20.43
CA LEU B 251 -5.47 -7.40 19.98
C LEU B 251 -6.71 -6.76 20.59
N ASP B 252 -7.46 -7.52 21.40
CA ASP B 252 -8.68 -7.02 22.05
C ASP B 252 -9.73 -6.70 20.98
N ALA B 253 -9.85 -7.61 20.01
CA ALA B 253 -10.73 -7.38 18.86
C ALA B 253 -12.16 -7.00 19.23
N ALA B 254 -12.73 -7.65 20.24
CA ALA B 254 -14.13 -7.38 20.63
C ALA B 254 -14.33 -5.94 21.13
N SER B 255 -13.26 -5.32 21.61
CA SER B 255 -13.34 -3.93 22.06
C SER B 255 -13.66 -2.94 20.93
N TYR B 256 -13.43 -3.33 19.67
CA TYR B 256 -13.77 -2.50 18.51
C TYR B 256 -15.16 -2.84 18.02
N LYS B 257 -16.15 -2.19 18.60
CA LYS B 257 -17.52 -2.65 18.45
C LYS B 257 -18.09 -2.35 17.08
N HIS B 258 -17.73 -1.19 16.51
CA HIS B 258 -18.29 -0.78 15.22
C HIS B 258 -17.66 -1.56 14.07
N LEU B 259 -16.35 -1.75 14.19
CA LEU B 259 -15.63 -2.59 13.25
C LEU B 259 -16.17 -4.01 13.31
N SER B 260 -16.40 -4.53 14.52
CA SER B 260 -16.89 -5.89 14.70
C SER B 260 -18.28 -6.07 14.14
N ALA B 261 -19.17 -5.12 14.40
CA ALA B 261 -20.53 -5.18 13.83
C ALA B 261 -20.52 -5.13 12.29
N TRP B 262 -19.65 -4.31 11.73
CA TRP B 262 -19.54 -4.19 10.27
C TRP B 262 -18.99 -5.50 9.67
N ALA B 263 -18.06 -6.12 10.39
CA ALA B 263 -17.42 -7.34 9.91
C ALA B 263 -18.44 -8.47 9.87
N GLU B 264 -19.32 -8.51 10.87
CA GLU B 264 -20.39 -9.50 10.94
C GLU B 264 -21.40 -9.30 9.82
N LYS B 265 -21.83 -8.06 9.62
CA LYS B 265 -22.74 -7.71 8.52
C LYS B 265 -22.18 -8.18 7.18
N ILE B 266 -20.92 -7.86 6.92
CA ILE B 266 -20.32 -8.23 5.62
C ILE B 266 -20.14 -9.74 5.48
N ALA B 267 -19.77 -10.41 6.57
CA ALA B 267 -19.65 -11.87 6.57
C ALA B 267 -20.94 -12.60 6.19
N ALA B 268 -22.09 -11.96 6.38
CA ALA B 268 -23.38 -12.60 6.09
C ALA B 268 -23.86 -12.33 4.67
N ARG B 269 -23.08 -11.58 3.89
CA ARG B 269 -23.42 -11.39 2.49
C ARG B 269 -23.18 -12.72 1.76
N PRO B 270 -24.13 -13.12 0.91
CA PRO B 270 -23.98 -14.41 0.21
C PRO B 270 -22.75 -14.45 -0.70
N ALA B 271 -22.43 -13.33 -1.35
CA ALA B 271 -21.29 -13.29 -2.26
C ALA B 271 -20.00 -13.42 -1.48
N VAL B 272 -20.00 -12.92 -0.25
CA VAL B 272 -18.83 -13.06 0.60
C VAL B 272 -18.62 -14.51 0.97
N GLN B 273 -19.71 -15.18 1.32
CA GLN B 273 -19.64 -16.60 1.67
C GLN B 273 -19.19 -17.43 0.47
N ARG B 274 -19.75 -17.15 -0.70
CA ARG B 274 -19.32 -17.85 -1.91
C ARG B 274 -17.85 -17.57 -2.24
N GLY B 275 -17.40 -16.34 -2.06
CA GLY B 275 -15.99 -16.00 -2.28
C GLY B 275 -15.04 -16.77 -1.39
N LEU B 276 -15.46 -17.01 -0.15
CA LEU B 276 -14.63 -17.74 0.81
C LEU B 276 -14.61 -19.24 0.53
N ALA B 277 -15.70 -19.72 -0.05
CA ALA B 277 -15.90 -21.14 -0.26
C ALA B 277 -15.41 -21.60 -1.63
N ALA B 278 -14.99 -20.66 -2.48
CA ALA B 278 -14.57 -20.96 -3.85
C ALA B 278 -13.53 -22.10 -3.90
N GLU B 279 -13.64 -22.92 -4.95
CA GLU B 279 -12.79 -24.10 -5.14
C GLU B 279 -11.57 -23.77 -6.01
N TYR B 280 -10.37 -23.91 -5.46
CA TYR B 280 -9.13 -23.66 -6.21
C TYR B 280 -8.66 -24.95 -6.88
N GLN B 281 -8.69 -24.95 -8.19
CA GLN B 281 -8.28 -26.12 -8.96
C GLN B 281 -6.77 -26.28 -8.99
N GLU B 282 -6.33 -27.53 -8.94
CA GLU B 282 -4.93 -27.87 -9.06
C GLU B 282 -4.36 -27.49 -10.41
N ILE B 283 -3.10 -27.05 -10.42
CA ILE B 283 -2.39 -26.74 -11.65
C ILE B 283 -1.37 -27.83 -12.03
N LYS B 284 -1.26 -28.86 -11.21
CA LYS B 284 -0.31 -29.94 -11.44
C LYS B 284 -0.81 -31.25 -10.82
N1 GDS C . 5.12 6.38 12.76
CA1 GDS C . 6.22 6.20 11.85
C1 GDS C . 7.20 5.23 12.45
OE1 GDS C . 7.57 5.37 13.63
OE2 GDS C . 7.62 4.30 11.74
CB1 GDS C . 6.91 7.54 11.61
CG1 GDS C . 7.93 7.45 10.46
CD1 GDS C . 7.25 7.25 9.13
O1 GDS C . 6.08 7.56 9.01
N2 GDS C . 8.01 6.78 8.13
CA2 GDS C . 7.56 6.70 6.75
C2 GDS C . 7.30 5.28 6.30
O2 GDS C . 8.02 4.36 6.65
CB2 GDS C . 8.53 7.43 5.84
SG2 GDS C . 8.47 9.21 5.97
N3 GDS C . 6.26 5.10 5.51
CA3 GDS C . 5.81 3.80 5.04
C3 GDS C . 5.12 3.80 3.68
OE3 GDS C . 5.36 4.71 2.85
OE4 GDS C . 4.32 2.88 3.39
N4 GDS C . 4.03 9.70 9.28
CA4 GDS C . 3.39 10.26 10.47
C4 GDS C . 3.18 9.29 11.61
OE5 GDS C . 3.51 8.08 11.47
OE6 GDS C . 2.69 9.72 12.66
C5 GDS C . 3.80 10.16 8.06
O5 GDS C . 3.00 11.07 7.87
CA5 GDS C . 4.54 9.52 6.92
N5 GDS C . 3.63 9.27 5.81
CB5 GDS C . 5.73 10.39 6.46
SG5 GDS C . 6.62 9.70 5.06
CA6 GDS C . 0.95 6.31 2.89
C6 GDS C . 1.16 7.15 1.67
OE7 GDS C . 0.73 8.33 1.68
OE8 GDS C . 1.76 6.64 0.69
N6 GDS C . 0.82 4.91 2.50
CB6 GDS C . 2.13 6.49 3.82
CG6 GDS C . 2.38 7.96 4.19
CD6 GDS C . 3.39 8.06 5.33
O6 GDS C . 3.91 7.04 5.76
N1 GDS D . 7.25 -13.56 1.86
CA1 GDS D . 6.14 -13.41 2.79
C1 GDS D . 6.63 -13.13 4.18
OE1 GDS D . 7.78 -13.53 4.55
OE2 GDS D . 5.89 -12.49 4.93
CB1 GDS D . 5.30 -14.70 2.76
CG1 GDS D . 3.97 -14.63 3.52
CD1 GDS D . 3.01 -13.61 2.93
O1 GDS D . 3.13 -13.32 1.76
N2 GDS D . 2.06 -13.11 3.72
CA2 GDS D . 1.01 -12.20 3.25
C2 GDS D . 1.20 -10.77 3.68
O2 GDS D . 1.56 -10.51 4.81
CB2 GDS D . -0.35 -12.77 3.69
SG2 GDS D . -0.90 -14.15 2.69
N3 GDS D . 0.95 -9.78 2.82
CA3 GDS D . 1.09 -8.38 3.17
C3 GDS D . 0.13 -7.49 2.43
OE3 GDS D . -1.00 -7.94 2.14
OE4 GDS D . 0.48 -6.33 2.12
N4 GDS D . 3.20 -14.40 -0.99
CA4 GDS D . 4.18 -15.16 -1.76
C4 GDS D . 5.61 -14.86 -1.36
OE5 GDS D . 5.82 -13.93 -0.56
OE6 GDS D . 6.53 -15.54 -1.85
C5 GDS D . 2.03 -14.09 -1.51
O5 GDS D . 1.72 -14.42 -2.64
CA5 GDS D . 1.09 -13.26 -0.68
N5 GDS D . 0.59 -12.14 -1.48
CB5 GDS D . -0.04 -14.16 -0.16
SG5 GDS D . -1.34 -13.37 0.78
CA6 GDS D . -0.11 -7.37 -2.49
C6 GDS D . -1.55 -7.53 -2.87
OE7 GDS D . -1.81 -8.22 -3.89
OE8 GDS D . -2.41 -6.97 -2.16
N6 GDS D . 0.11 -6.02 -1.92
CB6 GDS D . 0.25 -8.43 -1.45
CG6 GDS D . 0.08 -9.84 -2.01
CD6 GDS D . 0.71 -10.87 -1.08
O6 GDS D . 1.25 -10.55 -0.03
C ACT E . -1.41 -14.47 6.79
O ACT E . -0.59 -13.55 7.02
OXT ACT E . -1.07 -15.61 6.44
CH3 ACT E . -2.88 -14.25 6.93
#